data_4EYZ
#
_entry.id   4EYZ
#
_cell.length_a   65.811
_cell.length_b   60.605
_cell.length_c   66.126
_cell.angle_alpha   90.00
_cell.angle_beta   107.66
_cell.angle_gamma   90.00
#
_symmetry.space_group_name_H-M   'P 1 21 1'
#
loop_
_entity.id
_entity.type
_entity.pdbx_description
1 polymer 'Cellulosome-related protein module from Ruminococcus flavefaciens that resembles papain-like cysteine peptidases'
2 non-polymer 1,2-ETHANEDIOL
3 water water
#
_entity_poly.entity_id   1
_entity_poly.type   'polypeptide(L)'
_entity_poly.pdbx_seq_one_letter_code
;MAS(MSE)YNSDGWY(MSE)GEAIN(MSE)ASLNTCAADLGKWQNFIDDYTSNDYYKGTPYIDWVFASSPKGDRWQ
(MSE)NEWSVSE(MSE)LKVGGTYEEGGLN(CCS)(MSE)GFVWHAIAKGLSVESGLDISQTGQYVPFSSYFNGLGLSRK
CWATPGGSGGWTVFVDYYNLHYYEFPTKEE(MSE)LSSGVLQKGDIIWCVDGSVGLG(MSE)AGLRTIADNHHIGIYTGN
GTSDSWWQSGPVKADGDLVNVGTDVCPIYGAAAKNTYVVLPWAKKA
;
_entity_poly.pdbx_strand_id   A,B
#
# COMPACT_ATOMS: atom_id res chain seq x y z
N MET A 1 14.27 -5.31 9.12
CA MET A 1 14.02 -6.47 8.30
C MET A 1 12.58 -6.47 7.79
N ALA A 2 12.32 -7.25 6.74
CA ALA A 2 10.98 -7.33 6.15
C ALA A 2 10.01 -8.04 7.11
N SER A 3 8.90 -7.39 7.43
CA SER A 3 7.91 -7.98 8.33
C SER A 3 6.95 -8.88 7.55
N TYR A 5 3.50 -10.56 7.07
CA TYR A 5 2.10 -10.44 7.48
C TYR A 5 1.47 -11.83 7.53
N ASN A 6 0.42 -11.98 8.34
CA ASN A 6 -0.16 -13.29 8.61
C ASN A 6 0.93 -14.25 9.07
N SER A 7 1.79 -13.80 9.99
CA SER A 7 2.96 -14.61 10.33
C SER A 7 2.58 -15.94 11.01
N ASP A 8 1.41 -16.03 11.61
CA ASP A 8 1.01 -17.31 12.22
C ASP A 8 0.22 -18.28 11.35
N GLY A 9 0.07 -17.92 10.09
CA GLY A 9 -0.74 -18.66 9.13
C GLY A 9 0.04 -19.72 8.39
N TRP A 10 -0.12 -19.76 7.08
CA TRP A 10 0.37 -20.85 6.28
C TRP A 10 1.10 -20.34 5.05
N TYR A 11 2.05 -21.13 4.56
CA TYR A 11 2.70 -20.88 3.28
C TYR A 11 1.83 -21.40 2.14
N GLY A 13 2.39 -23.50 -0.27
CA GLY A 13 2.44 -24.94 -0.43
C GLY A 13 1.55 -25.65 0.58
N GLU A 14 1.61 -25.18 1.83
CA GLU A 14 0.79 -25.73 2.90
C GLU A 14 -0.69 -25.52 2.61
N ALA A 15 -1.04 -24.33 2.14
CA ALA A 15 -2.43 -24.03 1.81
C ALA A 15 -2.94 -24.92 0.68
N ILE A 16 -2.13 -25.11 -0.35
CA ILE A 16 -2.53 -26.00 -1.44
C ILE A 16 -2.70 -27.40 -0.93
N ASN A 17 -1.79 -27.86 -0.07
CA ASN A 17 -1.93 -29.18 0.52
C ASN A 17 -3.28 -29.33 1.26
N ALA A 19 -6.06 -27.43 0.77
CA ALA A 19 -7.13 -27.33 -0.21
C ALA A 19 -7.32 -28.66 -0.93
N SER A 20 -6.22 -29.39 -1.13
CA SER A 20 -6.24 -30.66 -1.82
C SER A 20 -6.72 -31.81 -0.95
N LEU A 21 -7.06 -31.51 0.31
CA LEU A 21 -7.41 -32.55 1.28
C LEU A 21 -6.26 -33.56 1.43
N ASN A 22 -5.05 -33.02 1.50
CA ASN A 22 -3.82 -33.80 1.65
C ASN A 22 -3.61 -34.83 0.54
N THR A 23 -4.03 -34.49 -0.67
CA THR A 23 -3.74 -35.36 -1.82
C THR A 23 -2.52 -34.87 -2.59
N CYS A 24 -2.15 -33.61 -2.39
CA CYS A 24 -0.99 -33.01 -3.05
C CYS A 24 -0.01 -32.48 -2.03
N ALA A 25 1.24 -32.90 -2.12
CA ALA A 25 2.24 -32.51 -1.13
C ALA A 25 2.71 -31.05 -1.32
N ALA A 26 2.73 -30.60 -2.57
CA ALA A 26 3.22 -29.26 -2.88
C ALA A 26 4.63 -29.01 -2.31
N ASP A 27 5.50 -30.00 -2.45
CA ASP A 27 6.86 -29.89 -1.97
C ASP A 27 7.65 -28.82 -2.73
N LEU A 28 8.38 -27.98 -2.00
CA LEU A 28 9.17 -26.92 -2.62
C LEU A 28 10.20 -27.44 -3.62
N GLY A 29 10.97 -28.45 -3.25
CA GLY A 29 12.00 -28.93 -4.15
C GLY A 29 11.44 -29.43 -5.45
N LYS A 30 10.33 -30.16 -5.38
CA LYS A 30 9.70 -30.66 -6.60
C LYS A 30 9.15 -29.53 -7.47
N TRP A 31 8.59 -28.51 -6.82
CA TRP A 31 8.11 -27.33 -7.53
C TRP A 31 9.27 -26.61 -8.22
N GLN A 32 10.39 -26.45 -7.53
CA GLN A 32 11.56 -25.84 -8.13
C GLN A 32 12.09 -26.63 -9.32
N ASN A 33 12.11 -27.95 -9.20
CA ASN A 33 12.53 -28.80 -10.29
C ASN A 33 11.58 -28.67 -11.48
N PHE A 34 10.27 -28.62 -11.20
CA PHE A 34 9.28 -28.44 -12.25
C PHE A 34 9.51 -27.12 -12.97
N ILE A 35 9.74 -26.05 -12.21
CA ILE A 35 10.00 -24.75 -12.80
C ILE A 35 11.23 -24.81 -13.72
N ASP A 36 12.31 -25.43 -13.24
CA ASP A 36 13.51 -25.55 -14.08
C ASP A 36 13.20 -26.28 -15.38
N ASP A 37 12.43 -27.37 -15.29
CA ASP A 37 12.15 -28.20 -16.46
C ASP A 37 11.18 -27.51 -17.42
N TYR A 38 10.11 -26.93 -16.90
CA TYR A 38 9.04 -26.42 -17.73
C TYR A 38 9.23 -24.96 -18.16
N THR A 39 10.28 -24.32 -17.67
CA THR A 39 10.74 -23.08 -18.30
C THR A 39 11.69 -23.34 -19.47
N SER A 40 12.21 -24.56 -19.56
N SER A 40 12.20 -24.57 -19.58
CA SER A 40 13.24 -24.88 -20.53
CA SER A 40 13.25 -24.88 -20.55
C SER A 40 12.68 -25.64 -21.73
C SER A 40 12.83 -25.88 -21.62
N ASN A 41 11.62 -26.41 -21.50
CA ASN A 41 11.05 -27.25 -22.55
C ASN A 41 10.10 -26.39 -23.38
N ASP A 42 9.32 -27.00 -24.27
N ASP A 42 9.30 -27.02 -24.24
CA ASP A 42 8.47 -26.22 -25.16
CA ASP A 42 8.46 -26.31 -25.19
C ASP A 42 7.00 -26.30 -24.76
C ASP A 42 7.01 -26.17 -24.73
N TYR A 43 6.73 -26.53 -23.49
CA TYR A 43 5.37 -26.65 -23.02
C TYR A 43 4.67 -25.31 -22.84
N TYR A 44 5.41 -24.33 -22.29
CA TYR A 44 4.87 -23.00 -22.02
C TYR A 44 5.48 -21.92 -22.92
N LYS A 45 6.81 -21.94 -23.03
N LYS A 45 6.80 -21.92 -23.02
CA LYS A 45 7.56 -20.91 -23.74
CA LYS A 45 7.52 -20.87 -23.72
C LYS A 45 7.07 -20.78 -25.17
C LYS A 45 7.00 -20.79 -25.14
N GLY A 46 6.71 -19.57 -25.60
CA GLY A 46 6.21 -19.35 -26.94
C GLY A 46 4.70 -19.26 -27.02
N THR A 47 3.99 -19.65 -25.96
CA THR A 47 2.54 -19.52 -25.97
C THR A 47 2.21 -18.02 -26.03
N PRO A 48 1.33 -17.63 -26.95
CA PRO A 48 0.98 -16.21 -27.00
C PRO A 48 0.34 -15.70 -25.71
N TYR A 49 0.72 -14.49 -25.29
CA TYR A 49 0.00 -13.76 -24.27
C TYR A 49 -1.19 -13.07 -24.93
N ILE A 50 -2.38 -13.33 -24.40
CA ILE A 50 -3.60 -12.79 -24.97
C ILE A 50 -4.50 -12.14 -23.90
N ASP A 51 -5.23 -11.12 -24.31
CA ASP A 51 -6.02 -10.30 -23.39
C ASP A 51 -7.43 -10.87 -23.15
N TRP A 52 -7.48 -12.07 -22.59
CA TRP A 52 -8.73 -12.62 -22.08
C TRP A 52 -8.36 -13.22 -20.75
N VAL A 53 -9.02 -12.76 -19.69
CA VAL A 53 -8.60 -13.09 -18.34
C VAL A 53 -8.65 -14.59 -18.07
N PHE A 54 -9.49 -15.32 -18.81
CA PHE A 54 -9.65 -16.75 -18.55
C PHE A 54 -8.73 -17.63 -19.39
N ALA A 55 -7.85 -17.02 -20.20
CA ALA A 55 -6.94 -17.79 -21.05
C ALA A 55 -5.94 -18.57 -20.23
N SER A 56 -5.96 -19.90 -20.39
CA SER A 56 -5.19 -20.81 -19.54
C SER A 56 -4.80 -22.06 -20.32
N SER A 57 -4.43 -21.88 -21.60
CA SER A 57 -4.16 -22.97 -22.54
C SER A 57 -2.75 -22.85 -23.13
N PRO A 58 -1.76 -23.39 -22.43
CA PRO A 58 -0.40 -23.35 -22.96
C PRO A 58 -0.24 -24.23 -24.18
N LYS A 59 0.84 -24.00 -24.92
N LYS A 59 0.85 -24.01 -24.92
CA LYS A 59 1.17 -24.83 -26.09
CA LYS A 59 1.18 -24.83 -26.08
C LYS A 59 1.02 -26.31 -25.76
C LYS A 59 1.08 -26.32 -25.79
N GLY A 60 1.50 -26.71 -24.59
CA GLY A 60 1.47 -28.11 -24.19
C GLY A 60 0.11 -28.66 -23.79
N ASP A 61 -0.91 -27.80 -23.70
CA ASP A 61 -2.26 -28.20 -23.25
C ASP A 61 -3.24 -27.16 -23.76
N ARG A 62 -3.55 -27.23 -25.06
CA ARG A 62 -4.33 -26.20 -25.74
C ARG A 62 -5.83 -26.42 -25.58
N TRP A 63 -6.24 -26.65 -24.34
CA TRP A 63 -7.55 -27.24 -24.08
C TRP A 63 -8.72 -26.34 -24.40
N GLN A 64 -8.56 -25.03 -24.26
CA GLN A 64 -9.67 -24.13 -24.54
C GLN A 64 -9.93 -23.97 -26.03
N ASN A 66 -10.51 -26.44 -27.82
N ASN A 66 -10.50 -26.46 -27.88
CA ASN A 66 -11.31 -27.62 -28.10
CA ASN A 66 -11.40 -27.54 -28.23
C ASN A 66 -12.70 -27.57 -27.47
C ASN A 66 -12.69 -27.58 -27.40
N GLU A 67 -13.08 -26.41 -26.92
CA GLU A 67 -14.40 -26.21 -26.31
C GLU A 67 -14.94 -24.87 -26.79
N TRP A 68 -16.13 -24.51 -26.35
CA TRP A 68 -16.79 -23.31 -26.84
C TRP A 68 -16.00 -22.02 -26.59
N SER A 69 -15.09 -22.05 -25.62
CA SER A 69 -14.16 -20.94 -25.34
C SER A 69 -13.31 -20.53 -26.52
N VAL A 70 -13.21 -21.37 -27.55
CA VAL A 70 -12.34 -21.08 -28.68
C VAL A 70 -12.66 -19.72 -29.30
N SER A 71 -13.91 -19.32 -29.30
CA SER A 71 -14.28 -18.06 -29.91
C SER A 71 -13.62 -16.88 -29.20
N GLU A 72 -13.70 -16.86 -27.88
CA GLU A 72 -13.04 -15.78 -27.12
C GLU A 72 -11.52 -15.84 -27.26
N LEU A 74 -9.79 -16.91 -29.87
CA LEU A 74 -9.39 -16.45 -31.19
C LEU A 74 -9.44 -14.94 -31.33
N LYS A 75 -10.43 -14.31 -30.71
CA LYS A 75 -10.59 -12.86 -30.84
C LYS A 75 -9.35 -12.11 -30.43
N VAL A 76 -8.70 -12.58 -29.38
CA VAL A 76 -7.62 -11.84 -28.78
C VAL A 76 -6.26 -12.40 -29.13
N GLY A 77 -6.22 -13.37 -30.06
CA GLY A 77 -4.96 -13.81 -30.63
C GLY A 77 -4.53 -15.21 -30.24
N GLY A 78 -5.39 -15.96 -29.55
CA GLY A 78 -5.11 -17.36 -29.32
C GLY A 78 -5.08 -18.11 -30.64
N THR A 79 -4.28 -19.17 -30.73
CA THR A 79 -4.18 -19.94 -31.98
C THR A 79 -4.40 -21.43 -31.74
N TYR A 80 -4.83 -22.13 -32.78
CA TYR A 80 -4.99 -23.57 -32.65
C TYR A 80 -3.62 -24.23 -32.46
N GLU A 81 -2.58 -23.62 -33.02
CA GLU A 81 -1.25 -24.19 -32.98
C GLU A 81 -0.55 -24.01 -31.62
N GLU A 82 -0.80 -22.90 -30.95
N GLU A 82 -0.82 -22.90 -30.95
CA GLU A 82 -0.05 -22.58 -29.74
CA GLU A 82 -0.04 -22.50 -29.79
C GLU A 82 -0.87 -22.15 -28.54
C GLU A 82 -0.87 -22.22 -28.54
N GLY A 83 -2.19 -22.13 -28.67
CA GLY A 83 -3.05 -21.81 -27.55
C GLY A 83 -2.99 -20.34 -27.20
N GLY A 84 -3.02 -20.05 -25.90
CA GLY A 84 -2.99 -18.68 -25.43
C GLY A 84 -3.13 -18.63 -23.92
N LEU A 85 -2.43 -17.67 -23.33
CA LEU A 85 -2.42 -17.50 -21.87
C LEU A 85 -2.59 -16.05 -21.49
N ASN A 86 -3.20 -15.84 -20.33
CA ASN A 86 -3.19 -14.54 -19.67
C ASN A 86 -2.48 -14.75 -18.33
N GLY A 89 -4.10 -17.04 -15.60
CA GLY A 89 -4.31 -18.33 -16.20
C GLY A 89 -3.04 -19.12 -16.33
N PHE A 90 -1.95 -18.43 -16.67
CA PHE A 90 -0.65 -19.07 -16.71
C PHE A 90 -0.23 -19.58 -15.33
N VAL A 91 -0.28 -18.73 -14.31
CA VAL A 91 0.18 -19.17 -13.00
C VAL A 91 -0.69 -20.32 -12.49
N TRP A 92 -1.99 -20.24 -12.73
CA TRP A 92 -2.91 -21.31 -12.37
C TRP A 92 -2.50 -22.62 -13.02
N HIS A 93 -2.29 -22.58 -14.33
CA HIS A 93 -1.95 -23.76 -15.06
C HIS A 93 -0.60 -24.32 -14.60
N ALA A 94 0.41 -23.45 -14.47
CA ALA A 94 1.73 -23.90 -14.06
C ALA A 94 1.68 -24.58 -12.70
N ILE A 95 1.00 -23.96 -11.74
CA ILE A 95 0.93 -24.60 -10.43
C ILE A 95 0.17 -25.94 -10.52
N ALA A 96 -0.96 -25.94 -11.20
CA ALA A 96 -1.78 -27.15 -11.33
C ALA A 96 -1.00 -28.26 -12.03
N LYS A 97 -0.28 -27.89 -13.08
CA LYS A 97 0.50 -28.87 -13.81
C LYS A 97 1.62 -29.41 -12.92
N GLY A 98 2.29 -28.54 -12.17
CA GLY A 98 3.31 -29.02 -11.26
C GLY A 98 2.73 -30.00 -10.26
N LEU A 99 1.54 -29.70 -9.74
CA LEU A 99 0.92 -30.59 -8.76
C LEU A 99 0.57 -31.93 -9.39
N SER A 100 0.14 -31.89 -10.65
CA SER A 100 -0.17 -33.09 -11.40
C SER A 100 1.09 -33.94 -11.64
N VAL A 101 2.18 -33.30 -12.02
CA VAL A 101 3.44 -34.02 -12.21
C VAL A 101 3.89 -34.69 -10.89
N GLU A 102 3.77 -33.95 -9.79
CA GLU A 102 4.24 -34.43 -8.48
C GLU A 102 3.38 -35.58 -7.96
N SER A 103 2.06 -35.48 -8.14
CA SER A 103 1.12 -36.40 -7.50
C SER A 103 0.69 -37.56 -8.39
N GLY A 104 0.78 -37.39 -9.69
CA GLY A 104 0.21 -38.33 -10.63
C GLY A 104 -1.28 -38.13 -10.89
N LEU A 105 -1.90 -37.15 -10.25
CA LEU A 105 -3.32 -36.85 -10.48
C LEU A 105 -3.48 -36.07 -11.77
N ASP A 106 -4.66 -36.13 -12.39
CA ASP A 106 -4.92 -35.37 -13.59
C ASP A 106 -4.96 -33.89 -13.25
N ILE A 107 -4.49 -33.06 -14.18
CA ILE A 107 -4.53 -31.62 -13.99
C ILE A 107 -5.98 -31.12 -13.79
N SER A 108 -6.96 -31.81 -14.33
CA SER A 108 -8.34 -31.38 -14.13
C SER A 108 -8.71 -31.45 -12.65
N GLN A 109 -8.10 -32.37 -11.93
CA GLN A 109 -8.31 -32.45 -10.48
C GLN A 109 -7.45 -31.42 -9.72
N THR A 110 -6.17 -31.35 -10.04
CA THR A 110 -5.28 -30.50 -9.26
C THR A 110 -5.58 -29.01 -9.44
N GLY A 111 -6.13 -28.63 -10.60
CA GLY A 111 -6.51 -27.23 -10.80
C GLY A 111 -7.53 -26.76 -9.79
N GLN A 112 -8.29 -27.68 -9.21
CA GLN A 112 -9.31 -27.33 -8.23
C GLN A 112 -8.69 -26.90 -6.90
N TYR A 113 -7.37 -27.08 -6.76
CA TYR A 113 -6.69 -26.75 -5.51
C TYR A 113 -5.88 -25.47 -5.63
N VAL A 114 -6.02 -24.76 -6.75
CA VAL A 114 -5.20 -23.61 -7.06
C VAL A 114 -6.11 -22.43 -7.40
N PRO A 115 -5.85 -21.25 -6.83
CA PRO A 115 -6.70 -20.11 -7.14
C PRO A 115 -6.46 -19.58 -8.54
N PHE A 116 -7.49 -18.94 -9.07
CA PHE A 116 -7.44 -18.33 -10.40
C PHE A 116 -8.30 -17.08 -10.38
N SER A 117 -9.56 -17.21 -10.73
CA SER A 117 -10.51 -16.11 -10.71
C SER A 117 -11.75 -16.64 -10.05
N SER A 118 -12.46 -15.79 -9.31
CA SER A 118 -13.70 -16.23 -8.71
C SER A 118 -14.81 -16.46 -9.74
N TYR A 119 -14.57 -16.09 -11.01
CA TYR A 119 -15.56 -16.19 -12.07
C TYR A 119 -15.25 -17.25 -13.12
N PHE A 120 -14.10 -17.89 -13.00
CA PHE A 120 -13.73 -18.94 -13.94
C PHE A 120 -14.67 -20.14 -13.89
N ASN A 121 -15.04 -20.58 -12.69
CA ASN A 121 -15.94 -21.72 -12.59
C ASN A 121 -17.30 -21.41 -13.20
N GLY A 122 -17.81 -20.22 -12.91
CA GLY A 122 -19.11 -19.81 -13.43
C GLY A 122 -19.12 -19.61 -14.93
N LEU A 123 -17.94 -19.53 -15.53
CA LEU A 123 -17.84 -19.36 -16.97
C LEU A 123 -18.43 -20.56 -17.69
N GLY A 124 -18.26 -21.75 -17.11
CA GLY A 124 -18.84 -22.94 -17.69
C GLY A 124 -17.93 -23.64 -18.69
N LEU A 125 -16.68 -23.84 -18.34
CA LEU A 125 -15.77 -24.69 -19.09
C LEU A 125 -15.56 -26.01 -18.35
N SER A 126 -14.86 -26.95 -18.99
CA SER A 126 -14.69 -28.28 -18.45
C SER A 126 -13.84 -28.36 -17.20
N ARG A 127 -12.95 -27.39 -17.01
CA ARG A 127 -12.06 -27.37 -15.86
C ARG A 127 -12.48 -26.31 -14.87
N LYS A 128 -12.16 -26.57 -13.62
CA LYS A 128 -12.53 -25.69 -12.51
C LYS A 128 -11.30 -25.36 -11.67
N CYS A 129 -11.35 -24.18 -11.06
CA CYS A 129 -10.29 -23.73 -10.15
C CYS A 129 -10.79 -23.74 -8.72
N TRP A 130 -9.91 -23.39 -7.80
CA TRP A 130 -10.26 -23.39 -6.38
C TRP A 130 -11.39 -22.42 -6.07
N ALA A 131 -12.28 -22.84 -5.19
CA ALA A 131 -13.28 -21.96 -4.59
C ALA A 131 -13.47 -22.38 -3.16
N THR A 132 -13.93 -21.45 -2.33
CA THR A 132 -14.35 -21.78 -0.96
C THR A 132 -15.62 -22.61 -1.02
N PRO A 133 -15.94 -23.30 0.08
CA PRO A 133 -17.21 -24.01 0.11
C PRO A 133 -18.40 -23.10 -0.16
N GLY A 134 -18.27 -21.83 0.25
CA GLY A 134 -19.31 -20.84 0.00
C GLY A 134 -19.37 -20.33 -1.42
N GLY A 135 -18.40 -20.71 -2.27
CA GLY A 135 -18.44 -20.35 -3.68
C GLY A 135 -17.63 -19.11 -4.07
N SER A 136 -16.81 -18.59 -3.17
CA SER A 136 -15.93 -17.47 -3.50
C SER A 136 -14.57 -17.97 -3.99
N GLY A 137 -13.81 -17.12 -4.66
CA GLY A 137 -12.55 -17.57 -5.22
C GLY A 137 -11.59 -16.43 -5.51
N GLY A 138 -10.50 -16.75 -6.16
CA GLY A 138 -9.51 -15.75 -6.49
C GLY A 138 -8.44 -15.61 -5.43
N TRP A 139 -7.43 -14.82 -5.75
CA TRP A 139 -6.21 -14.79 -4.94
C TRP A 139 -6.37 -14.15 -3.57
N THR A 140 -7.02 -13.02 -3.47
CA THR A 140 -7.14 -12.40 -2.15
C THR A 140 -8.08 -13.20 -1.24
N VAL A 141 -9.10 -13.85 -1.82
CA VAL A 141 -9.93 -14.75 -1.06
C VAL A 141 -9.09 -15.92 -0.54
N PHE A 142 -8.21 -16.45 -1.39
CA PHE A 142 -7.35 -17.56 -0.98
C PHE A 142 -6.41 -17.12 0.15
N VAL A 143 -5.82 -15.94 0.01
CA VAL A 143 -4.94 -15.40 1.05
C VAL A 143 -5.69 -15.33 2.38
N ASP A 144 -6.90 -14.79 2.35
CA ASP A 144 -7.65 -14.60 3.59
C ASP A 144 -8.10 -15.94 4.15
N TYR A 145 -8.54 -16.84 3.27
CA TYR A 145 -9.09 -18.12 3.69
C TYR A 145 -8.04 -18.96 4.41
N TYR A 146 -6.84 -19.00 3.84
CA TYR A 146 -5.76 -19.80 4.40
C TYR A 146 -4.77 -18.98 5.23
N ASN A 147 -5.10 -17.72 5.51
CA ASN A 147 -4.21 -16.89 6.32
C ASN A 147 -2.78 -16.96 5.78
N LEU A 148 -2.63 -16.75 4.49
CA LEU A 148 -1.33 -16.94 3.87
C LEU A 148 -0.31 -15.93 4.34
N HIS A 149 0.88 -16.40 4.63
CA HIS A 149 2.00 -15.50 4.89
C HIS A 149 2.22 -14.64 3.66
N TYR A 150 2.50 -13.35 3.87
CA TYR A 150 2.87 -12.51 2.73
C TYR A 150 3.76 -11.37 3.15
N TYR A 151 4.51 -10.87 2.18
CA TYR A 151 5.32 -9.68 2.33
C TYR A 151 4.79 -8.62 1.35
N GLU A 152 4.94 -7.36 1.72
CA GLU A 152 4.65 -6.22 0.86
C GLU A 152 5.91 -5.38 0.72
N PHE A 153 6.20 -4.95 -0.50
CA PHE A 153 7.37 -4.12 -0.74
C PHE A 153 6.99 -2.91 -1.58
N PRO A 154 7.40 -1.72 -1.15
CA PRO A 154 7.06 -0.55 -1.95
C PRO A 154 7.92 -0.40 -3.18
N THR A 155 9.08 -1.05 -3.25
CA THR A 155 9.95 -0.97 -4.41
C THR A 155 10.54 -2.32 -4.71
N LYS A 156 10.92 -2.49 -5.97
CA LYS A 156 11.54 -3.73 -6.39
C LYS A 156 12.90 -3.87 -5.72
N GLU A 157 13.62 -2.77 -5.55
CA GLU A 157 14.92 -2.83 -4.88
C GLU A 157 14.77 -3.35 -3.44
N GLU A 158 13.75 -2.90 -2.72
N GLU A 158 13.76 -2.88 -2.71
CA GLU A 158 13.53 -3.37 -1.37
CA GLU A 158 13.54 -3.36 -1.34
C GLU A 158 13.20 -4.87 -1.36
C GLU A 158 13.24 -4.87 -1.37
N LEU A 160 14.07 -7.17 -3.64
CA LEU A 160 15.22 -7.97 -4.06
C LEU A 160 16.40 -7.90 -3.09
N SER A 161 16.40 -6.94 -2.17
CA SER A 161 17.45 -6.87 -1.14
C SER A 161 16.99 -7.40 0.22
N SER A 162 15.78 -7.91 0.31
CA SER A 162 15.18 -8.29 1.59
C SER A 162 15.64 -9.65 2.13
N GLY A 163 16.17 -10.49 1.25
CA GLY A 163 16.57 -11.82 1.62
C GLY A 163 15.42 -12.80 1.75
N VAL A 164 14.23 -12.42 1.31
CA VAL A 164 13.08 -13.28 1.54
C VAL A 164 12.78 -14.22 0.37
N LEU A 165 13.06 -13.79 -0.86
CA LEU A 165 12.59 -14.55 -2.01
C LEU A 165 13.32 -15.86 -2.27
N GLN A 166 12.55 -16.80 -2.81
N GLN A 166 12.54 -16.90 -2.62
CA GLN A 166 13.00 -18.13 -3.12
CA GLN A 166 13.06 -18.15 -3.14
C GLN A 166 12.31 -18.58 -4.39
C GLN A 166 12.36 -18.50 -4.42
N LYS A 167 13.07 -19.19 -5.32
CA LYS A 167 12.46 -19.73 -6.53
C LYS A 167 11.20 -20.51 -6.17
N GLY A 168 10.11 -20.18 -6.86
CA GLY A 168 8.82 -20.79 -6.61
C GLY A 168 7.82 -19.91 -5.89
N ASP A 169 8.30 -18.84 -5.25
CA ASP A 169 7.40 -17.88 -4.61
C ASP A 169 6.52 -17.21 -5.65
N ILE A 170 5.31 -16.83 -5.24
CA ILE A 170 4.42 -16.11 -6.13
C ILE A 170 4.60 -14.62 -5.87
N ILE A 171 4.70 -13.84 -6.94
CA ILE A 171 4.80 -12.38 -6.82
C ILE A 171 3.64 -11.74 -7.54
N TRP A 172 3.00 -10.80 -6.86
CA TRP A 172 2.03 -9.90 -7.49
C TRP A 172 2.62 -8.50 -7.63
N CYS A 173 2.56 -7.99 -8.86
CA CYS A 173 2.78 -6.57 -9.12
C CYS A 173 1.43 -5.87 -9.02
N VAL A 174 1.37 -4.90 -8.11
CA VAL A 174 0.14 -4.21 -7.78
C VAL A 174 0.12 -2.88 -8.50
N ASP A 175 -0.90 -2.68 -9.31
CA ASP A 175 -1.08 -1.48 -10.13
C ASP A 175 -1.22 -0.26 -9.25
N GLY A 176 -0.23 0.62 -9.32
CA GLY A 176 -0.20 1.82 -8.52
C GLY A 176 -1.24 2.87 -8.89
N SER A 177 -2.05 2.60 -9.91
CA SER A 177 -3.16 3.48 -10.24
C SER A 177 -4.38 3.16 -9.38
N VAL A 178 -4.32 2.05 -8.66
N VAL A 178 -4.36 2.04 -8.65
CA VAL A 178 -5.42 1.63 -7.80
CA VAL A 178 -5.48 1.76 -7.73
C VAL A 178 -5.05 1.67 -6.32
C VAL A 178 -5.08 1.53 -6.27
N GLY A 179 -3.81 1.28 -6.00
CA GLY A 179 -3.37 1.21 -4.62
C GLY A 179 -1.97 0.68 -4.43
N LEU A 180 -1.57 0.49 -3.17
CA LEU A 180 -0.27 -0.04 -2.82
C LEU A 180 -0.43 -1.37 -2.09
N GLY A 181 0.47 -2.29 -2.35
CA GLY A 181 0.50 -3.55 -1.62
C GLY A 181 -0.80 -4.34 -1.65
N ALA A 183 -3.66 -4.04 -0.10
CA ALA A 183 -4.90 -3.26 -0.23
C ALA A 183 -5.19 -2.96 -1.69
N GLY A 184 -4.16 -2.63 -2.46
CA GLY A 184 -4.30 -2.39 -3.88
C GLY A 184 -4.77 -3.63 -4.62
N LEU A 185 -4.21 -4.78 -4.25
CA LEU A 185 -4.58 -6.03 -4.89
C LEU A 185 -6.04 -6.41 -4.67
N ARG A 186 -6.62 -5.94 -3.57
CA ARG A 186 -8.01 -6.21 -3.26
C ARG A 186 -8.96 -5.39 -4.11
N THR A 187 -8.40 -4.40 -4.81
CA THR A 187 -9.21 -3.52 -5.63
C THR A 187 -9.16 -3.97 -7.08
N ILE A 188 -10.33 -4.05 -7.69
CA ILE A 188 -10.46 -4.34 -9.10
C ILE A 188 -9.63 -3.35 -9.91
N ALA A 189 -8.76 -3.86 -10.76
CA ALA A 189 -7.86 -2.99 -11.54
C ALA A 189 -7.60 -3.54 -12.92
N ASP A 190 -7.17 -2.67 -13.82
CA ASP A 190 -6.87 -3.09 -15.18
C ASP A 190 -5.63 -3.99 -15.25
N ASN A 191 -4.62 -3.70 -14.44
CA ASN A 191 -3.28 -4.16 -14.75
C ASN A 191 -2.46 -4.66 -13.57
N HIS A 192 -3.09 -5.28 -12.57
CA HIS A 192 -2.30 -6.09 -11.62
C HIS A 192 -1.65 -7.23 -12.43
N HIS A 193 -0.52 -7.75 -11.97
CA HIS A 193 0.18 -8.79 -12.73
C HIS A 193 0.83 -9.78 -11.79
N ILE A 194 0.78 -11.06 -12.15
CA ILE A 194 1.26 -12.14 -11.28
C ILE A 194 2.29 -12.97 -12.04
N GLY A 195 3.23 -13.56 -11.30
CA GLY A 195 4.22 -14.46 -11.86
C GLY A 195 4.88 -15.28 -10.77
N ILE A 196 5.80 -16.14 -11.17
CA ILE A 196 6.46 -17.06 -10.27
C ILE A 196 7.95 -16.76 -10.23
N TYR A 197 8.49 -16.43 -9.05
CA TYR A 197 9.88 -16.04 -8.97
C TYR A 197 10.79 -17.17 -9.40
N THR A 198 11.81 -16.83 -10.19
CA THR A 198 12.75 -17.83 -10.68
C THR A 198 14.19 -17.48 -10.40
N GLY A 199 14.42 -16.42 -9.62
CA GLY A 199 15.76 -15.95 -9.35
C GLY A 199 16.42 -16.63 -8.19
N ASN A 200 17.55 -16.06 -7.77
CA ASN A 200 18.42 -16.66 -6.77
C ASN A 200 18.28 -16.02 -5.38
N GLY A 201 17.28 -15.16 -5.23
CA GLY A 201 17.03 -14.46 -3.99
C GLY A 201 17.22 -12.97 -4.17
N THR A 202 18.16 -12.59 -5.01
CA THR A 202 18.39 -11.17 -5.25
C THR A 202 18.28 -10.82 -6.74
N SER A 203 18.40 -11.80 -7.62
CA SER A 203 18.26 -11.50 -9.05
C SER A 203 16.81 -11.21 -9.43
N ASP A 204 16.67 -10.45 -10.50
CA ASP A 204 15.38 -9.96 -10.99
C ASP A 204 14.89 -10.88 -12.11
N SER A 205 14.15 -11.91 -11.74
CA SER A 205 13.79 -12.98 -12.65
C SER A 205 12.51 -13.65 -12.21
N TRP A 206 11.55 -13.77 -13.12
CA TRP A 206 10.33 -14.50 -12.84
C TRP A 206 9.77 -15.10 -14.12
N TRP A 207 8.81 -16.00 -13.93
CA TRP A 207 8.17 -16.77 -14.98
C TRP A 207 6.73 -16.29 -15.04
N GLN A 208 6.29 -15.86 -16.21
CA GLN A 208 5.04 -15.17 -16.35
C GLN A 208 4.55 -15.22 -17.79
N SER A 209 3.29 -14.85 -17.98
CA SER A 209 2.78 -14.54 -19.30
C SER A 209 2.26 -13.12 -19.27
N GLY A 210 2.81 -12.28 -20.14
CA GLY A 210 2.62 -10.85 -20.06
C GLY A 210 3.87 -10.11 -20.50
N PRO A 211 4.07 -8.89 -19.99
CA PRO A 211 5.20 -8.06 -20.42
C PRO A 211 6.56 -8.72 -20.25
N VAL A 212 7.38 -8.72 -21.30
CA VAL A 212 8.72 -9.30 -21.21
C VAL A 212 9.82 -8.26 -21.41
N LYS A 213 9.44 -7.00 -21.65
CA LYS A 213 10.41 -5.97 -22.02
C LYS A 213 10.52 -4.80 -21.04
N ALA A 214 9.40 -4.32 -20.52
CA ALA A 214 9.43 -3.16 -19.64
C ALA A 214 8.13 -3.05 -18.86
N ASP A 215 8.19 -2.41 -17.69
CA ASP A 215 7.00 -2.08 -16.93
C ASP A 215 6.04 -1.28 -17.81
N GLY A 216 4.80 -1.72 -17.87
CA GLY A 216 3.76 -0.98 -18.56
C GLY A 216 3.70 -1.21 -20.06
N ASP A 217 4.58 -2.05 -20.60
CA ASP A 217 4.64 -2.31 -22.03
C ASP A 217 3.87 -3.59 -22.32
N LEU A 218 2.69 -3.45 -22.90
CA LEU A 218 1.83 -4.57 -23.21
C LEU A 218 1.86 -4.86 -24.72
N VAL A 219 2.83 -4.28 -25.40
CA VAL A 219 3.05 -4.60 -26.80
C VAL A 219 4.02 -5.77 -26.91
N ASN A 220 5.09 -5.71 -26.13
CA ASN A 220 6.11 -6.74 -26.15
C ASN A 220 5.85 -7.73 -25.02
N VAL A 221 5.15 -8.80 -25.36
CA VAL A 221 4.59 -9.72 -24.39
C VAL A 221 4.83 -11.15 -24.81
N GLY A 222 4.81 -12.05 -23.85
CA GLY A 222 5.04 -13.44 -24.14
C GLY A 222 5.02 -14.26 -22.87
N THR A 223 5.23 -15.56 -23.03
CA THR A 223 5.24 -16.48 -21.91
C THR A 223 6.66 -16.96 -21.76
N ASP A 224 7.37 -16.48 -20.75
CA ASP A 224 8.79 -16.73 -20.63
C ASP A 224 9.28 -16.28 -19.27
N VAL A 225 10.56 -16.56 -19.04
CA VAL A 225 11.30 -16.02 -17.92
C VAL A 225 11.90 -14.68 -18.33
N CYS A 226 11.71 -13.67 -17.48
CA CYS A 226 12.16 -12.31 -17.76
C CYS A 226 12.26 -11.54 -16.45
N PRO A 227 12.73 -10.30 -16.50
CA PRO A 227 12.69 -9.51 -15.26
C PRO A 227 11.25 -9.26 -14.81
N ILE A 228 11.10 -8.87 -13.56
CA ILE A 228 9.79 -8.69 -12.95
C ILE A 228 9.25 -7.33 -13.42
N TYR A 229 8.50 -7.36 -14.52
CA TYR A 229 7.91 -6.16 -15.10
C TYR A 229 6.41 -6.18 -14.89
N GLY A 230 5.86 -5.11 -14.37
CA GLY A 230 4.43 -5.03 -14.22
C GLY A 230 3.74 -4.72 -15.54
N ALA A 231 2.46 -5.06 -15.61
CA ALA A 231 1.60 -4.59 -16.69
C ALA A 231 1.29 -3.11 -16.49
N ALA A 232 1.30 -2.66 -15.24
CA ALA A 232 1.05 -1.27 -14.91
C ALA A 232 2.36 -0.48 -15.00
N ALA A 233 2.24 0.83 -15.26
CA ALA A 233 3.41 1.69 -15.31
C ALA A 233 4.05 1.84 -13.94
N LYS A 234 3.23 1.87 -12.90
CA LYS A 234 3.72 1.98 -11.53
C LYS A 234 3.30 0.76 -10.74
N ASN A 235 4.22 0.23 -9.94
CA ASN A 235 3.96 -1.01 -9.21
C ASN A 235 4.52 -1.00 -7.81
N THR A 236 3.81 -1.67 -6.90
CA THR A 236 4.40 -2.17 -5.68
C THR A 236 4.24 -3.67 -5.74
N TYR A 237 4.68 -4.37 -4.71
CA TYR A 237 4.83 -5.82 -4.81
C TYR A 237 4.32 -6.57 -3.59
N VAL A 238 3.66 -7.68 -3.85
CA VAL A 238 3.22 -8.59 -2.79
C VAL A 238 3.87 -9.92 -3.10
N VAL A 239 4.48 -10.53 -2.10
CA VAL A 239 5.12 -11.83 -2.26
C VAL A 239 4.38 -12.84 -1.40
N LEU A 240 4.00 -13.96 -2.02
CA LEU A 240 3.37 -15.08 -1.34
C LEU A 240 4.37 -16.22 -1.34
N PRO A 241 5.12 -16.40 -0.23
CA PRO A 241 6.16 -17.43 -0.27
C PRO A 241 5.59 -18.83 -0.36
N TRP A 242 6.25 -19.68 -1.12
CA TRP A 242 5.79 -21.05 -1.29
C TRP A 242 5.98 -21.88 -0.04
N ALA A 243 7.11 -21.64 0.62
CA ALA A 243 7.53 -22.44 1.77
C ALA A 243 8.52 -21.64 2.58
N LYS A 244 8.79 -22.10 3.80
CA LYS A 244 9.76 -21.45 4.66
C LYS A 244 11.12 -21.39 3.96
N LYS A 245 11.88 -20.33 4.16
CA LYS A 245 13.16 -20.22 3.47
C LYS A 245 14.25 -20.95 4.24
N ALA A 246 15.21 -21.47 3.50
CA ALA A 246 16.34 -22.21 4.07
C ALA A 246 16.58 -21.89 5.54
N MET B 1 1.56 11.48 -14.06
CA MET B 1 1.72 10.10 -13.63
C MET B 1 1.12 9.89 -12.24
N ALA B 2 1.06 10.96 -11.45
CA ALA B 2 0.51 10.89 -10.09
C ALA B 2 -1.01 11.03 -10.10
N SER B 3 -1.70 9.96 -9.70
CA SER B 3 -3.15 9.94 -9.72
C SER B 3 -3.74 10.28 -8.35
N TYR B 5 -6.53 10.10 -5.55
CA TYR B 5 -7.64 9.32 -5.02
C TYR B 5 -8.70 10.25 -4.45
N ASN B 6 -9.93 9.76 -4.35
CA ASN B 6 -11.07 10.60 -4.01
C ASN B 6 -11.07 11.84 -4.89
N SER B 7 -10.84 11.66 -6.18
CA SER B 7 -10.68 12.80 -7.07
C SER B 7 -11.94 13.68 -7.12
N ASP B 8 -13.12 13.16 -6.79
N ASP B 8 -13.05 12.97 -6.98
CA ASP B 8 -14.32 14.03 -6.86
CA ASP B 8 -14.33 13.54 -6.65
C ASP B 8 -14.79 14.69 -5.55
C ASP B 8 -14.33 13.49 -5.12
N GLY B 9 -13.93 14.60 -4.54
CA GLY B 9 -14.21 14.95 -3.17
C GLY B 9 -13.73 16.36 -2.90
N TRP B 10 -13.03 16.55 -1.79
CA TRP B 10 -12.73 17.88 -1.28
C TRP B 10 -11.26 17.97 -0.89
N TYR B 11 -10.70 19.18 -0.98
CA TYR B 11 -9.38 19.45 -0.41
C TYR B 11 -9.49 19.69 1.09
N GLY B 13 -8.57 22.23 2.91
CA GLY B 13 -9.10 23.55 3.24
C GLY B 13 -10.61 23.60 3.15
N GLU B 14 -11.13 22.98 2.10
CA GLU B 14 -12.56 22.93 1.86
C GLU B 14 -13.25 22.13 2.95
N ALA B 15 -12.63 21.02 3.36
CA ALA B 15 -13.21 20.18 4.41
C ALA B 15 -13.25 20.92 5.74
N ILE B 16 -12.17 21.62 6.07
CA ILE B 16 -12.14 22.42 7.29
C ILE B 16 -13.19 23.52 7.25
N ASN B 17 -13.32 24.18 6.10
CA ASN B 17 -14.36 25.18 5.94
C ASN B 17 -15.76 24.58 6.22
N ALA B 19 -16.41 21.76 7.99
CA ALA B 19 -16.47 21.35 9.40
C ALA B 19 -16.77 22.56 10.29
N SER B 20 -16.26 23.71 9.88
CA SER B 20 -16.44 24.96 10.63
C SER B 20 -17.81 25.59 10.39
N LEU B 21 -18.64 24.96 9.57
CA LEU B 21 -19.94 25.53 9.20
C LEU B 21 -19.74 26.90 8.54
N ASN B 22 -18.74 26.96 7.66
CA ASN B 22 -18.37 28.17 6.93
C ASN B 22 -18.08 29.36 7.82
N THR B 23 -17.44 29.12 8.96
CA THR B 23 -16.95 30.21 9.80
C THR B 23 -15.45 30.46 9.58
N CYS B 24 -14.76 29.48 9.04
CA CYS B 24 -13.32 29.57 8.77
C CYS B 24 -13.06 29.37 7.28
N ALA B 25 -12.40 30.32 6.63
CA ALA B 25 -12.18 30.24 5.19
C ALA B 25 -11.11 29.21 4.83
N ALA B 26 -10.13 29.03 5.70
CA ALA B 26 -9.01 28.11 5.44
C ALA B 26 -8.32 28.42 4.10
N ASP B 27 -8.13 29.69 3.83
CA ASP B 27 -7.48 30.13 2.62
C ASP B 27 -6.02 29.67 2.56
N LEU B 28 -5.61 29.13 1.43
CA LEU B 28 -4.24 28.65 1.27
C LEU B 28 -3.17 29.73 1.49
N GLY B 29 -3.34 30.90 0.90
CA GLY B 29 -2.34 31.93 1.03
C GLY B 29 -2.14 32.35 2.47
N LYS B 30 -3.25 32.46 3.21
CA LYS B 30 -3.14 32.83 4.61
C LYS B 30 -2.46 31.74 5.42
N TRP B 31 -2.74 30.49 5.10
CA TRP B 31 -2.09 29.35 5.75
C TRP B 31 -0.59 29.35 5.46
N GLN B 32 -0.22 29.63 4.22
CA GLN B 32 1.19 29.69 3.86
C GLN B 32 1.90 30.82 4.60
N ASN B 33 1.25 31.98 4.71
CA ASN B 33 1.82 33.09 5.47
C ASN B 33 1.98 32.73 6.95
N PHE B 34 0.97 32.05 7.50
CA PHE B 34 1.06 31.61 8.88
C PHE B 34 2.24 30.66 9.08
N ILE B 35 2.39 29.70 8.17
CA ILE B 35 3.52 28.78 8.23
C ILE B 35 4.84 29.55 8.21
N ASP B 36 4.97 30.51 7.30
CA ASP B 36 6.20 31.29 7.24
C ASP B 36 6.46 32.00 8.57
N ASP B 37 5.42 32.60 9.15
CA ASP B 37 5.60 33.39 10.36
C ASP B 37 5.87 32.49 11.58
N TYR B 38 5.10 31.41 11.72
CA TYR B 38 5.15 30.62 12.93
C TYR B 38 6.21 29.50 12.90
N THR B 39 6.89 29.35 11.77
CA THR B 39 8.14 28.58 11.75
C THR B 39 9.35 29.44 12.13
N SER B 40 9.19 30.76 12.13
N SER B 40 9.18 30.76 12.13
CA SER B 40 10.32 31.64 12.36
CA SER B 40 10.29 31.70 12.31
C SER B 40 10.30 32.34 13.71
C SER B 40 10.16 32.61 13.55
N ASN B 41 9.14 32.37 14.36
CA ASN B 41 9.04 33.00 15.67
C ASN B 41 9.31 31.91 16.72
N ASP B 42 9.06 32.21 18.00
CA ASP B 42 9.38 31.24 19.05
C ASP B 42 8.13 30.60 19.64
N TYR B 43 7.05 30.56 18.87
CA TYR B 43 5.79 30.05 19.38
C TYR B 43 5.83 28.52 19.43
N TYR B 44 6.39 27.89 18.39
CA TYR B 44 6.47 26.45 18.27
C TYR B 44 7.89 25.92 18.44
N LYS B 45 8.81 26.54 17.71
CA LYS B 45 10.19 26.06 17.64
C LYS B 45 10.77 25.98 19.03
N GLY B 46 11.38 24.85 19.34
CA GLY B 46 12.00 24.65 20.64
C GLY B 46 11.11 23.94 21.63
N THR B 47 9.82 23.77 21.32
CA THR B 47 8.96 23.00 22.20
C THR B 47 9.46 21.56 22.17
N PRO B 48 9.64 20.95 23.35
CA PRO B 48 10.10 19.56 23.34
C PRO B 48 9.10 18.62 22.66
N TYR B 49 9.63 17.67 21.90
CA TYR B 49 8.84 16.57 21.40
C TYR B 49 8.79 15.51 22.50
N ILE B 50 7.58 15.08 22.85
CA ILE B 50 7.39 14.18 23.96
C ILE B 50 6.42 13.06 23.58
N ASP B 51 6.66 11.88 24.16
CA ASP B 51 5.95 10.68 23.77
C ASP B 51 4.64 10.51 24.54
N TRP B 52 3.72 11.45 24.36
CA TRP B 52 2.34 11.29 24.82
C TRP B 52 1.48 11.76 23.67
N VAL B 53 0.60 10.90 23.18
CA VAL B 53 -0.11 11.17 21.94
C VAL B 53 -0.96 12.43 22.03
N PHE B 54 -1.38 12.80 23.23
CA PHE B 54 -2.26 13.96 23.38
C PHE B 54 -1.53 15.27 23.62
N ALA B 55 -0.20 15.24 23.59
CA ALA B 55 0.57 16.46 23.83
C ALA B 55 0.35 17.47 22.69
N SER B 56 -0.13 18.65 23.06
CA SER B 56 -0.56 19.65 22.10
C SER B 56 -0.40 21.04 22.69
N SER B 57 0.71 21.25 23.42
CA SER B 57 0.98 22.49 24.14
C SER B 57 2.31 23.12 23.74
N PRO B 58 2.29 23.94 22.69
CA PRO B 58 3.51 24.61 22.26
C PRO B 58 3.99 25.62 23.27
N LYS B 59 5.26 26.00 23.17
CA LYS B 59 5.82 27.05 24.00
C LYS B 59 4.90 28.28 24.09
N GLY B 60 4.27 28.62 22.97
CA GLY B 60 3.41 29.79 22.91
C GLY B 60 2.03 29.60 23.50
N ASP B 61 1.68 28.38 23.86
CA ASP B 61 0.35 28.06 24.41
C ASP B 61 0.48 26.80 25.24
N ARG B 62 1.03 26.96 26.44
CA ARG B 62 1.42 25.82 27.27
C ARG B 62 0.24 25.30 28.12
N TRP B 63 -0.88 25.10 27.45
CA TRP B 63 -2.16 25.00 28.15
C TRP B 63 -2.31 23.72 28.96
N GLN B 64 -1.74 22.61 28.51
CA GLN B 64 -1.87 21.37 29.27
C GLN B 64 -1.04 21.36 30.55
N ASN B 66 -1.39 23.56 32.68
N ASN B 66 -1.36 23.60 32.71
CA ASN B 66 -2.27 24.29 33.59
CA ASN B 66 -2.22 24.20 33.73
C ASN B 66 -3.54 23.52 33.94
C ASN B 66 -3.58 23.53 33.86
N GLU B 67 -3.61 22.25 33.56
CA GLU B 67 -4.76 21.39 33.85
C GLU B 67 -4.24 20.05 34.32
N TRP B 68 -5.15 19.13 34.65
CA TRP B 68 -4.76 17.86 35.24
C TRP B 68 -3.83 17.03 34.34
N SER B 69 -3.85 17.31 33.04
CA SER B 69 -2.92 16.72 32.07
C SER B 69 -1.45 16.91 32.40
N VAL B 70 -1.13 17.84 33.30
CA VAL B 70 0.26 18.15 33.56
C VAL B 70 1.05 16.92 34.01
N SER B 71 0.41 16.00 34.72
CA SER B 71 1.12 14.82 35.19
C SER B 71 1.62 13.97 34.03
N GLU B 72 0.78 13.70 33.06
CA GLU B 72 1.22 12.92 31.89
C GLU B 72 2.26 13.70 31.09
N LEU B 74 4.52 15.82 32.21
CA LEU B 74 5.81 15.82 32.90
C LEU B 74 6.52 14.49 32.79
N LYS B 75 5.78 13.39 32.83
CA LYS B 75 6.41 12.06 32.80
C LYS B 75 7.30 11.88 31.58
N VAL B 76 6.87 12.43 30.45
CA VAL B 76 7.53 12.17 29.18
C VAL B 76 8.39 13.34 28.71
N GLY B 77 8.56 14.33 29.57
CA GLY B 77 9.52 15.39 29.29
C GLY B 77 8.94 16.76 29.00
N GLY B 78 7.63 16.90 29.14
CA GLY B 78 7.05 18.22 29.03
C GLY B 78 7.54 19.10 30.16
N THR B 79 7.64 20.41 29.92
CA THR B 79 8.13 21.32 30.96
C THR B 79 7.19 22.51 31.15
N TYR B 80 7.23 23.10 32.34
CA TYR B 80 6.44 24.27 32.58
C TYR B 80 6.91 25.41 31.71
N GLU B 81 8.21 25.44 31.41
CA GLU B 81 8.78 26.54 30.66
C GLU B 81 8.47 26.48 29.16
N GLU B 82 8.38 25.27 28.61
CA GLU B 82 8.29 25.13 27.15
C GLU B 82 7.17 24.24 26.65
N GLY B 83 6.41 23.65 27.56
CA GLY B 83 5.31 22.79 27.14
C GLY B 83 5.78 21.46 26.59
N GLY B 84 5.08 20.98 25.56
CA GLY B 84 5.39 19.69 24.97
C GLY B 84 4.41 19.37 23.86
N LEU B 85 4.94 18.76 22.81
CA LEU B 85 4.14 18.37 21.65
C LEU B 85 4.44 16.95 21.23
N ASN B 86 3.43 16.32 20.64
CA ASN B 86 3.63 15.07 19.91
C ASN B 86 3.18 15.35 18.46
N GLY B 89 -0.58 16.18 17.71
CA GLY B 89 -0.91 17.32 18.54
C GLY B 89 -0.35 18.61 17.99
N PHE B 90 0.87 18.56 17.47
CA PHE B 90 1.45 19.71 16.82
C PHE B 90 0.66 20.12 15.58
N VAL B 91 0.37 19.17 14.68
CA VAL B 91 -0.32 19.56 13.46
C VAL B 91 -1.72 20.08 13.77
N TRP B 92 -2.38 19.47 14.75
CA TRP B 92 -3.68 19.96 15.19
C TRP B 92 -3.59 21.39 15.67
N HIS B 93 -2.64 21.65 16.56
CA HIS B 93 -2.51 22.98 17.12
C HIS B 93 -2.16 24.00 16.03
N ALA B 94 -1.21 23.64 15.16
CA ALA B 94 -0.78 24.57 14.11
C ALA B 94 -1.94 24.92 13.21
N ILE B 95 -2.70 23.92 12.77
CA ILE B 95 -3.83 24.22 11.90
C ILE B 95 -4.85 25.08 12.66
N ALA B 96 -5.20 24.68 13.88
CA ALA B 96 -6.18 25.42 14.65
C ALA B 96 -5.75 26.85 14.92
N LYS B 97 -4.47 27.01 15.24
CA LYS B 97 -3.95 28.34 15.50
C LYS B 97 -4.00 29.17 14.22
N GLY B 98 -3.60 28.58 13.09
CA GLY B 98 -3.71 29.29 11.83
C GLY B 98 -5.14 29.75 11.58
N LEU B 99 -6.10 28.88 11.83
CA LEU B 99 -7.50 29.25 11.61
C LEU B 99 -7.94 30.37 12.55
N SER B 100 -7.44 30.35 13.78
CA SER B 100 -7.71 31.38 14.76
C SER B 100 -7.14 32.72 14.33
N VAL B 101 -5.90 32.72 13.85
CA VAL B 101 -5.27 33.94 13.34
C VAL B 101 -6.07 34.50 12.16
N GLU B 102 -6.48 33.61 11.24
CA GLU B 102 -7.20 34.03 10.03
C GLU B 102 -8.60 34.59 10.34
N SER B 103 -9.31 33.93 11.25
CA SER B 103 -10.71 34.25 11.50
C SER B 103 -10.93 35.24 12.64
N GLY B 104 -10.00 35.31 13.58
CA GLY B 104 -10.23 36.05 14.81
C GLY B 104 -10.99 35.25 15.88
N LEU B 105 -11.36 34.01 15.57
CA LEU B 105 -12.00 33.14 16.57
C LEU B 105 -10.96 32.59 17.53
N ASP B 106 -11.40 32.24 18.73
CA ASP B 106 -10.50 31.64 19.71
C ASP B 106 -10.09 30.26 19.24
N ILE B 107 -8.85 29.88 19.55
CA ILE B 107 -8.36 28.56 19.19
C ILE B 107 -9.19 27.45 19.83
N SER B 108 -9.82 27.71 20.96
CA SER B 108 -10.66 26.70 21.58
C SER B 108 -11.83 26.33 20.67
N GLN B 109 -12.29 27.29 19.87
CA GLN B 109 -13.33 27.04 18.88
C GLN B 109 -12.77 26.40 17.62
N THR B 110 -11.71 26.96 17.06
CA THR B 110 -11.22 26.49 15.77
C THR B 110 -10.65 25.08 15.86
N GLY B 111 -10.12 24.69 17.02
CA GLY B 111 -9.65 23.33 17.17
C GLY B 111 -10.70 22.27 16.94
N GLN B 112 -11.96 22.64 17.10
CA GLN B 112 -13.06 21.71 16.89
C GLN B 112 -13.30 21.42 15.43
N TYR B 113 -12.61 22.13 14.54
CA TYR B 113 -12.77 21.94 13.10
C TYR B 113 -11.59 21.21 12.48
N VAL B 114 -10.70 20.68 13.33
CA VAL B 114 -9.45 20.09 12.89
C VAL B 114 -9.30 18.70 13.52
N PRO B 115 -8.97 17.68 12.70
CA PRO B 115 -8.81 16.34 13.27
C PRO B 115 -7.55 16.21 14.13
N PHE B 116 -7.61 15.28 15.07
CA PHE B 116 -6.50 14.99 15.96
C PHE B 116 -6.53 13.51 16.28
N SER B 117 -7.18 13.15 17.35
CA SER B 117 -7.30 11.75 17.74
C SER B 117 -8.74 11.54 18.07
N SER B 118 -9.28 10.36 17.78
CA SER B 118 -10.65 10.11 18.14
C SER B 118 -10.86 9.97 19.64
N TYR B 119 -9.78 9.99 20.43
CA TYR B 119 -9.83 9.79 21.88
C TYR B 119 -9.47 11.03 22.68
N PHE B 120 -9.08 12.10 22.01
CA PHE B 120 -8.71 13.33 22.68
C PHE B 120 -9.91 13.96 23.41
N ASN B 121 -11.07 13.98 22.78
CA ASN B 121 -12.23 14.58 23.44
C ASN B 121 -12.61 13.82 24.69
N GLY B 122 -12.60 12.50 24.59
CA GLY B 122 -12.97 11.64 25.71
C GLY B 122 -11.95 11.68 26.85
N LEU B 123 -10.78 12.23 26.58
CA LEU B 123 -9.75 12.34 27.61
C LEU B 123 -10.24 13.27 28.72
N GLY B 124 -10.99 14.30 28.36
CA GLY B 124 -11.55 15.20 29.35
C GLY B 124 -10.66 16.38 29.72
N LEU B 125 -10.15 17.05 28.69
CA LEU B 125 -9.46 18.32 28.86
C LEU B 125 -10.33 19.47 28.37
N SER B 126 -9.88 20.70 28.59
CA SER B 126 -10.72 21.85 28.29
C SER B 126 -10.95 22.10 26.81
N ARG B 127 -10.07 21.56 25.96
CA ARG B 127 -10.16 21.79 24.53
C ARG B 127 -10.59 20.52 23.83
N LYS B 128 -11.24 20.70 22.68
CA LYS B 128 -11.81 19.59 21.91
C LYS B 128 -11.36 19.69 20.47
N CYS B 129 -11.24 18.52 19.85
CA CYS B 129 -10.92 18.46 18.42
C CYS B 129 -12.13 17.99 17.63
N TRP B 130 -11.96 17.92 16.31
CA TRP B 130 -13.06 17.54 15.44
C TRP B 130 -13.56 16.14 15.71
N ALA B 131 -14.88 15.98 15.65
CA ALA B 131 -15.52 14.68 15.67
C ALA B 131 -16.71 14.73 14.74
N THR B 132 -17.12 13.57 14.24
CA THR B 132 -18.34 13.48 13.46
C THR B 132 -19.51 13.67 14.41
N PRO B 133 -20.70 13.95 13.88
CA PRO B 133 -21.88 14.01 14.75
C PRO B 133 -22.08 12.71 15.52
N GLY B 134 -21.69 11.59 14.93
CA GLY B 134 -21.77 10.29 15.58
C GLY B 134 -20.72 10.04 16.64
N GLY B 135 -19.73 10.93 16.75
CA GLY B 135 -18.72 10.82 17.81
C GLY B 135 -17.41 10.15 17.42
N SER B 136 -17.19 9.92 16.13
CA SER B 136 -15.92 9.35 15.66
C SER B 136 -14.97 10.48 15.33
N GLY B 137 -13.69 10.18 15.25
CA GLY B 137 -12.72 11.21 14.95
C GLY B 137 -11.42 10.65 14.42
N GLY B 138 -10.43 11.53 14.33
CA GLY B 138 -9.13 11.16 13.82
C GLY B 138 -9.02 11.33 12.32
N TRP B 139 -7.81 11.14 11.81
CA TRP B 139 -7.51 11.51 10.45
C TRP B 139 -8.14 10.64 9.38
N THR B 140 -8.15 9.32 9.55
CA THR B 140 -8.74 8.51 8.48
C THR B 140 -10.26 8.66 8.45
N VAL B 141 -10.85 8.87 9.63
CA VAL B 141 -12.28 9.16 9.69
C VAL B 141 -12.57 10.49 8.97
N PHE B 142 -11.72 11.48 9.18
CA PHE B 142 -11.88 12.78 8.52
C PHE B 142 -11.76 12.63 7.01
N VAL B 143 -10.76 11.87 6.56
CA VAL B 143 -10.58 11.60 5.13
C VAL B 143 -11.86 10.98 4.54
N ASP B 144 -12.40 9.98 5.22
CA ASP B 144 -13.57 9.30 4.69
C ASP B 144 -14.81 10.18 4.75
N TYR B 145 -14.95 10.93 5.84
CA TYR B 145 -16.14 11.75 6.05
C TYR B 145 -16.26 12.84 4.99
N TYR B 146 -15.14 13.49 4.70
CA TYR B 146 -15.11 14.58 3.73
C TYR B 146 -14.61 14.15 2.36
N ASN B 147 -14.43 12.85 2.15
CA ASN B 147 -13.97 12.37 0.84
C ASN B 147 -12.73 13.15 0.40
N LEU B 148 -11.73 13.24 1.26
CA LEU B 148 -10.59 14.08 0.97
C LEU B 148 -9.80 13.56 -0.20
N HIS B 149 -9.40 14.47 -1.07
CA HIS B 149 -8.43 14.13 -2.11
C HIS B 149 -7.14 13.68 -1.43
N TYR B 150 -6.49 12.65 -1.99
CA TYR B 150 -5.17 12.28 -1.49
C TYR B 150 -4.34 11.61 -2.54
N TYR B 151 -3.03 11.68 -2.33
CA TYR B 151 -2.05 10.97 -3.13
C TYR B 151 -1.35 9.95 -2.24
N GLU B 152 -0.89 8.86 -2.85
CA GLU B 152 -0.04 7.89 -2.18
C GLU B 152 1.25 7.73 -2.97
N PHE B 153 2.38 7.66 -2.28
CA PHE B 153 3.66 7.46 -2.93
C PHE B 153 4.46 6.36 -2.22
N PRO B 154 5.05 5.46 -2.99
CA PRO B 154 5.85 4.40 -2.36
C PRO B 154 7.22 4.86 -1.87
N THR B 155 7.72 5.99 -2.37
CA THR B 155 8.99 6.51 -1.93
C THR B 155 8.94 8.03 -1.85
N LYS B 156 9.82 8.58 -1.03
CA LYS B 156 9.92 10.02 -0.90
C LYS B 156 10.35 10.65 -2.22
N GLU B 157 11.27 10.01 -2.93
CA GLU B 157 11.76 10.55 -4.21
C GLU B 157 10.61 10.75 -5.21
N GLU B 158 9.69 9.79 -5.29
N GLU B 158 9.73 9.75 -5.32
CA GLU B 158 8.58 9.90 -6.22
CA GLU B 158 8.56 9.85 -6.19
C GLU B 158 7.56 10.95 -5.77
C GLU B 158 7.66 11.01 -5.76
N LEU B 160 8.37 13.74 -4.04
CA LEU B 160 8.97 15.05 -4.29
C LEU B 160 9.10 15.34 -5.78
N SER B 161 9.46 14.34 -6.58
CA SER B 161 9.68 14.57 -8.00
C SER B 161 8.36 14.71 -8.77
N SER B 162 7.25 14.31 -8.15
CA SER B 162 5.95 14.40 -8.81
C SER B 162 5.52 15.84 -9.00
N GLY B 163 6.03 16.72 -8.14
CA GLY B 163 5.64 18.12 -8.17
C GLY B 163 4.20 18.41 -7.74
N VAL B 164 3.51 17.44 -7.15
CA VAL B 164 2.13 17.69 -6.72
C VAL B 164 2.07 18.54 -5.44
N LEU B 165 3.14 18.55 -4.66
CA LEU B 165 3.11 19.21 -3.36
C LEU B 165 3.14 20.72 -3.43
N GLN B 166 2.46 21.37 -2.50
CA GLN B 166 2.72 22.76 -2.25
C GLN B 166 2.71 23.05 -0.77
N LYS B 167 3.40 24.11 -0.40
CA LYS B 167 3.49 24.53 1.00
C LYS B 167 2.11 24.56 1.59
N GLY B 168 1.95 23.89 2.73
CA GLY B 168 0.68 23.81 3.43
C GLY B 168 0.01 22.47 3.36
N ASP B 169 0.42 21.62 2.41
CA ASP B 169 -0.14 20.29 2.31
C ASP B 169 0.22 19.47 3.53
N ILE B 170 -0.64 18.53 3.89
CA ILE B 170 -0.35 17.60 4.98
C ILE B 170 0.28 16.34 4.41
N ILE B 171 1.35 15.89 5.06
CA ILE B 171 2.00 14.64 4.69
C ILE B 171 1.95 13.68 5.86
N TRP B 172 1.55 12.46 5.56
CA TRP B 172 1.69 11.35 6.49
C TRP B 172 2.78 10.40 6.01
N CYS B 173 3.71 10.10 6.91
CA CYS B 173 4.63 8.99 6.75
C CYS B 173 4.00 7.77 7.38
N VAL B 174 3.83 6.72 6.58
CA VAL B 174 3.12 5.53 6.98
C VAL B 174 4.14 4.46 7.35
N ASP B 175 4.03 3.95 8.57
CA ASP B 175 4.94 2.97 9.14
C ASP B 175 4.84 1.65 8.38
N GLY B 176 5.91 1.29 7.68
CA GLY B 176 5.94 0.09 6.88
C GLY B 176 5.92 -1.19 7.70
N SER B 177 5.93 -1.10 9.02
CA SER B 177 5.77 -2.28 9.86
C SER B 177 4.31 -2.74 9.90
N VAL B 178 3.37 -1.89 9.49
N VAL B 178 3.41 -1.87 9.47
CA VAL B 178 1.96 -2.31 9.51
CA VAL B 178 1.99 -2.12 9.55
C VAL B 178 1.24 -2.18 8.17
C VAL B 178 1.33 -2.23 8.18
N GLY B 179 1.82 -1.44 7.22
CA GLY B 179 1.23 -1.40 5.88
C GLY B 179 1.78 -0.31 4.99
N LEU B 180 1.17 -0.15 3.82
CA LEU B 180 1.59 0.83 2.83
C LEU B 180 0.46 1.81 2.56
N GLY B 181 0.82 3.08 2.36
CA GLY B 181 -0.16 4.06 1.94
C GLY B 181 -1.33 4.23 2.89
N ALA B 183 -4.03 2.43 3.40
CA ALA B 183 -4.40 1.24 4.14
C ALA B 183 -3.55 1.10 5.40
N GLY B 184 -2.25 1.42 5.29
CA GLY B 184 -1.37 1.35 6.43
C GLY B 184 -1.78 2.35 7.51
N LEU B 185 -2.16 3.56 7.12
N LEU B 185 -2.19 3.52 7.07
CA LEU B 185 -2.56 4.56 8.09
CA LEU B 185 -2.57 4.60 7.97
C LEU B 185 -3.79 4.14 8.86
C LEU B 185 -3.84 4.27 8.75
N ARG B 186 -4.65 3.36 8.22
CA ARG B 186 -5.87 2.90 8.88
C ARG B 186 -5.59 1.88 9.98
N THR B 187 -4.36 1.40 10.05
CA THR B 187 -3.99 0.42 11.05
C THR B 187 -3.23 1.07 12.18
N ILE B 188 -3.60 0.70 13.40
CA ILE B 188 -2.89 1.14 14.59
C ILE B 188 -1.42 0.78 14.48
N ALA B 189 -0.55 1.76 14.63
CA ALA B 189 0.90 1.50 14.52
C ALA B 189 1.69 2.29 15.54
N ASP B 190 2.91 1.84 15.79
CA ASP B 190 3.79 2.54 16.72
C ASP B 190 4.22 3.93 16.21
N ASN B 191 4.42 4.08 14.90
CA ASN B 191 5.25 5.17 14.41
C ASN B 191 4.83 5.77 13.06
N HIS B 192 3.53 5.88 12.81
CA HIS B 192 3.09 6.76 11.73
C HIS B 192 3.50 8.17 12.14
N HIS B 193 3.72 9.06 11.18
CA HIS B 193 4.16 10.42 11.53
C HIS B 193 3.57 11.41 10.55
N ILE B 194 3.20 12.58 11.06
CA ILE B 194 2.51 13.59 10.28
C ILE B 194 3.27 14.92 10.36
N GLY B 195 3.17 15.72 9.31
CA GLY B 195 3.79 17.04 9.28
C GLY B 195 3.18 17.87 8.17
N ILE B 196 3.64 19.10 8.06
CA ILE B 196 3.09 20.08 7.12
C ILE B 196 4.18 20.47 6.13
N TYR B 197 3.96 20.25 4.85
CA TYR B 197 4.99 20.50 3.86
C TYR B 197 5.33 21.98 3.82
N THR B 198 6.63 22.30 3.73
CA THR B 198 7.06 23.70 3.67
C THR B 198 7.90 24.01 2.44
N GLY B 199 8.11 23.03 1.58
CA GLY B 199 9.01 23.22 0.44
C GLY B 199 8.39 23.93 -0.73
N ASN B 200 9.17 23.97 -1.82
CA ASN B 200 8.80 24.69 -3.03
C ASN B 200 8.07 23.83 -4.07
N GLY B 201 7.75 22.58 -3.70
CA GLY B 201 7.10 21.66 -4.60
C GLY B 201 7.96 20.45 -4.89
N THR B 202 9.28 20.64 -4.96
CA THR B 202 10.19 19.53 -5.12
C THR B 202 11.19 19.42 -3.97
N SER B 203 11.39 20.51 -3.21
CA SER B 203 12.39 20.47 -2.16
C SER B 203 11.88 19.69 -0.94
N ASP B 204 12.82 19.18 -0.17
CA ASP B 204 12.54 18.26 0.92
C ASP B 204 12.51 19.00 2.25
N SER B 205 11.34 19.46 2.67
CA SER B 205 11.21 20.10 3.97
C SER B 205 9.77 20.08 4.43
N TRP B 206 9.61 19.93 5.74
CA TRP B 206 8.31 20.01 6.35
C TRP B 206 8.44 20.49 7.78
N TRP B 207 7.29 20.81 8.36
CA TRP B 207 7.17 21.37 9.69
C TRP B 207 6.49 20.32 10.54
N GLN B 208 7.13 19.94 11.64
CA GLN B 208 6.68 18.80 12.43
C GLN B 208 7.21 18.86 13.86
N SER B 209 6.69 17.97 14.70
CA SER B 209 7.29 17.70 15.99
C SER B 209 7.56 16.20 16.02
N GLY B 210 8.83 15.84 16.24
CA GLY B 210 9.27 14.47 16.03
C GLY B 210 10.69 14.45 15.48
N PRO B 211 11.05 13.38 14.76
CA PRO B 211 12.43 13.22 14.29
C PRO B 211 12.92 14.37 13.42
N VAL B 212 14.07 14.93 13.73
CA VAL B 212 14.66 16.02 12.95
C VAL B 212 15.99 15.63 12.31
N LYS B 213 16.43 14.39 12.48
CA LYS B 213 17.76 14.00 12.01
C LYS B 213 17.77 12.85 11.00
N ALA B 214 16.93 11.85 11.19
CA ALA B 214 16.91 10.68 10.31
C ALA B 214 15.64 9.88 10.49
N ASP B 215 15.27 9.16 9.43
CA ASP B 215 14.16 8.20 9.51
C ASP B 215 14.42 7.23 10.65
N GLY B 216 13.41 7.06 11.51
CA GLY B 216 13.49 6.08 12.58
C GLY B 216 14.30 6.50 13.80
N ASP B 217 14.86 7.71 13.80
CA ASP B 217 15.67 8.19 14.92
C ASP B 217 14.77 9.03 15.83
N LEU B 218 14.40 8.45 16.98
CA LEU B 218 13.53 9.13 17.93
C LEU B 218 14.33 9.64 19.14
N VAL B 219 15.65 9.67 19.00
CA VAL B 219 16.49 10.30 19.99
C VAL B 219 16.65 11.77 19.67
N ASN B 220 16.94 12.06 18.41
CA ASN B 220 17.14 13.43 17.95
C ASN B 220 15.84 13.99 17.40
N VAL B 221 15.11 14.68 18.28
CA VAL B 221 13.73 15.06 18.02
C VAL B 221 13.53 16.49 18.44
N GLY B 222 12.52 17.13 17.86
CA GLY B 222 12.23 18.51 18.18
C GLY B 222 11.07 19.02 17.37
N THR B 223 10.72 20.27 17.61
CA THR B 223 9.63 20.92 16.90
C THR B 223 10.27 21.96 16.02
N ASP B 224 10.29 21.72 14.71
CA ASP B 224 11.03 22.58 13.81
C ASP B 224 10.73 22.15 12.40
N VAL B 225 11.27 22.90 11.46
CA VAL B 225 11.32 22.45 10.08
C VAL B 225 12.53 21.56 9.89
N CYS B 226 12.40 20.57 9.02
CA CYS B 226 13.45 19.60 8.78
C CYS B 226 13.13 18.86 7.49
N PRO B 227 14.09 18.08 6.99
CA PRO B 227 13.75 17.19 5.90
C PRO B 227 12.68 16.18 6.34
N ILE B 228 11.99 15.59 5.39
CA ILE B 228 10.86 14.73 5.73
C ILE B 228 11.37 13.38 6.20
N TYR B 229 11.42 13.21 7.52
CA TYR B 229 11.88 11.98 8.14
C TYR B 229 10.73 11.29 8.86
N GLY B 230 10.55 10.00 8.61
CA GLY B 230 9.57 9.26 9.35
C GLY B 230 10.04 8.91 10.74
N ALA B 231 9.09 8.64 11.61
CA ALA B 231 9.38 8.04 12.91
C ALA B 231 9.69 6.56 12.76
N ALA B 232 9.14 5.94 11.73
CA ALA B 232 9.36 4.52 11.45
C ALA B 232 10.63 4.35 10.61
N ALA B 233 11.22 3.17 10.69
CA ALA B 233 12.40 2.84 9.91
C ALA B 233 12.05 2.79 8.43
N LYS B 234 10.86 2.26 8.13
CA LYS B 234 10.41 2.12 6.74
C LYS B 234 9.13 2.93 6.55
N ASN B 235 9.06 3.70 5.47
CA ASN B 235 7.91 4.57 5.25
C ASN B 235 7.43 4.59 3.82
N THR B 236 6.11 4.71 3.65
CA THR B 236 5.52 5.21 2.40
C THR B 236 4.79 6.49 2.77
N TYR B 237 4.16 7.14 1.80
CA TYR B 237 3.73 8.52 2.01
C TYR B 237 2.33 8.75 1.50
N VAL B 238 1.54 9.45 2.30
CA VAL B 238 0.22 9.92 1.91
C VAL B 238 0.23 11.44 1.97
N VAL B 239 -0.27 12.07 0.91
CA VAL B 239 -0.37 13.52 0.86
C VAL B 239 -1.83 13.92 0.84
N LEU B 240 -2.18 14.84 1.73
CA LEU B 240 -3.52 15.43 1.78
C LEU B 240 -3.38 16.89 1.37
N PRO B 241 -3.64 17.18 0.08
CA PRO B 241 -3.40 18.56 -0.36
C PRO B 241 -4.37 19.55 0.26
N TRP B 242 -3.85 20.74 0.57
CA TRP B 242 -4.67 21.77 1.22
C TRP B 242 -5.68 22.37 0.24
N ALA B 243 -5.25 22.54 -1.01
CA ALA B 243 -6.03 23.23 -2.01
C ALA B 243 -5.57 22.79 -3.39
N LYS B 244 -6.35 23.16 -4.40
CA LYS B 244 -6.01 22.83 -5.78
C LYS B 244 -4.68 23.50 -6.13
N LYS B 245 -3.80 22.76 -6.79
CA LYS B 245 -2.57 23.33 -7.30
C LYS B 245 -2.72 23.53 -8.80
N ALA B 246 -2.36 24.72 -9.27
CA ALA B 246 -2.49 25.06 -10.68
C ALA B 246 -1.84 24.02 -11.59
#